data_7GSJ
#
_entry.id   7GSJ
#
_cell.length_a   89.768
_cell.length_b   89.768
_cell.length_c   106.533
_cell.angle_alpha   90.000
_cell.angle_beta   90.000
_cell.angle_gamma   120.000
#
_symmetry.space_group_name_H-M   'P 31 2 1'
#
loop_
_entity.id
_entity.type
_entity.pdbx_description
1 polymer 'Tyrosine-protein phosphatase non-receptor type 1'
2 non-polymer 2-AMINO-2-HYDROXYMETHYL-PROPANE-1,3-DIOL
3 non-polymer '(phenylmethyl) 4-oxidanylpiperidine-1-carboxylate'
4 water water
#
_entity_poly.entity_id   1
_entity_poly.type   'polypeptide(L)'
_entity_poly.pdbx_seq_one_letter_code
;MEMEKEFEQIDKSGSWAAIYQDIRHEASDFPSRVAKLPKNKNRNRYRDVSPFDHSRIKLHQEDNDYINASLIKMEEAQRS
YILTQGPLPNTVGHFWEMVWEQKSRGVVMLNRVMEKGSLKCAQYWPQKEEKEMIFEDTNLKLTLISEDIKSYYTVRQLEL
ENLTTQETREILHFHYTTWPDFGVPESPASFLNFLFKVRESGSLSPEHGPVVVHCSAGIGRSGTFCLADTCLLLMDKRKD
PSSVDIKKVLLEMRKFRMGLIQTADQLRFSYLAVIEGAKFIMGDSSVQDQWKELSHEDLEPPPEHIPPPPRPPKRILEPH
N
;
_entity_poly.pdbx_strand_id   A
#
loop_
_chem_comp.id
_chem_comp.type
_chem_comp.name
_chem_comp.formula
B0G non-polymer '(phenylmethyl) 4-oxidanylpiperidine-1-carboxylate' 'C13 H17 N O3'
TRS non-polymer 2-AMINO-2-HYDROXYMETHYL-PROPANE-1,3-DIOL 'C4 H12 N O3 1'
#
# COMPACT_ATOMS: atom_id res chain seq x y z
N MET A 1 -2.64 27.16 -4.24
CA MET A 1 -1.71 27.40 -5.38
C MET A 1 -1.71 26.18 -6.31
N GLU A 2 -2.25 26.30 -7.53
CA GLU A 2 -2.15 25.23 -8.57
C GLU A 2 -0.80 24.52 -8.37
N MET A 3 -0.85 23.21 -8.09
CA MET A 3 0.35 22.41 -7.74
C MET A 3 1.30 22.34 -8.96
N GLU A 4 0.76 22.35 -10.19
CA GLU A 4 1.59 22.33 -11.43
C GLU A 4 2.59 23.49 -11.45
N LYS A 5 2.23 24.62 -10.82
CA LYS A 5 3.07 25.84 -10.76
C LYS A 5 3.99 25.69 -9.55
N GLU A 6 3.44 25.20 -8.44
CA GLU A 6 4.24 24.88 -7.23
C GLU A 6 5.33 23.90 -7.67
N PHE A 7 5.02 23.02 -8.63
CA PHE A 7 5.94 21.96 -9.11
C PHE A 7 7.14 22.59 -9.83
N GLU A 8 6.85 23.43 -10.82
CA GLU A 8 7.89 24.09 -11.67
C GLU A 8 8.74 25.01 -10.78
N GLN A 9 8.13 25.70 -9.82
CA GLN A 9 8.83 26.57 -8.82
C GLN A 9 9.84 25.76 -7.99
N ILE A 10 9.46 24.58 -7.47
CA ILE A 10 10.39 23.71 -6.67
C ILE A 10 11.49 23.17 -7.61
N ASP A 11 11.14 22.79 -8.84
CA ASP A 11 12.10 22.14 -9.79
C ASP A 11 13.13 23.19 -10.20
N LYS A 12 12.68 24.38 -10.57
CA LYS A 12 13.60 25.45 -11.04
C LYS A 12 14.52 25.85 -9.87
N SER A 13 13.98 25.88 -8.65
CA SER A 13 14.76 26.23 -7.43
C SER A 13 15.53 25.02 -6.88
N GLY A 14 15.29 23.80 -7.38
CA GLY A 14 15.92 22.57 -6.89
C GLY A 14 15.78 22.43 -5.37
N SER A 15 14.57 22.59 -4.84
CA SER A 15 14.36 22.57 -3.37
C SER A 15 13.62 21.30 -2.88
N TRP A 16 13.63 20.20 -3.65
CA TRP A 16 12.84 18.98 -3.29
C TRP A 16 13.28 18.48 -1.91
N ALA A 17 14.59 18.46 -1.66
CA ALA A 17 15.17 17.96 -0.39
C ALA A 17 14.66 18.84 0.77
N ALA A 18 14.49 20.14 0.53
CA ALA A 18 14.04 21.10 1.56
C ALA A 18 12.55 20.91 1.88
N ILE A 19 11.66 20.86 0.88
CA ILE A 19 10.21 20.55 1.09
C ILE A 19 10.09 19.24 1.89
N TYR A 20 10.84 18.19 1.49
CA TYR A 20 10.71 16.81 2.05
C TYR A 20 11.07 16.86 3.53
N GLN A 21 12.18 17.52 3.87
CA GLN A 21 12.59 17.62 5.29
C GLN A 21 11.54 18.40 6.11
N ASP A 22 10.89 19.44 5.56
CA ASP A 22 9.77 20.17 6.23
C ASP A 22 8.64 19.18 6.59
N ILE A 23 8.24 18.32 5.65
CA ILE A 23 7.23 17.26 5.94
C ILE A 23 7.74 16.37 7.07
N ARG A 24 8.98 15.90 7.00
CA ARG A 24 9.52 14.98 8.04
C ARG A 24 9.40 15.65 9.42
N HIS A 25 9.66 16.96 9.48
CA HIS A 25 9.70 17.73 10.76
C HIS A 25 8.29 17.90 11.33
N GLU A 26 7.28 18.13 10.50
CA GLU A 26 5.89 18.40 10.94
C GLU A 26 5.07 17.11 11.13
N ALA A 27 5.58 15.93 10.74
CA ALA A 27 4.81 14.66 10.77
C ALA A 27 4.47 14.29 12.21
N SER A 28 3.34 13.63 12.40
CA SER A 28 2.85 13.12 13.70
C SER A 28 3.84 12.12 14.31
N ASP A 29 3.88 12.09 15.64
CA ASP A 29 4.59 11.05 16.42
C ASP A 29 3.62 10.51 17.46
N PHE A 30 3.22 9.25 17.31
CA PHE A 30 2.29 8.55 18.20
C PHE A 30 3.02 7.33 18.73
N PRO A 31 2.64 6.77 19.88
CA PRO A 31 3.24 5.55 20.38
C PRO A 31 2.99 4.30 19.49
N SER A 32 4.01 3.44 19.45
CA SER A 32 3.99 2.07 18.83
C SER A 32 4.44 1.04 19.87
N ARG A 33 3.82 0.98 21.03
CA ARG A 33 4.30 0.13 22.15
C ARG A 33 4.08 -1.36 21.84
N VAL A 34 2.96 -1.75 21.22
CA VAL A 34 2.72 -3.19 20.91
C VAL A 34 3.82 -3.69 19.94
N ALA A 35 4.15 -2.94 18.89
CA ALA A 35 5.17 -3.33 17.88
C ALA A 35 6.50 -3.64 18.57
N LYS A 36 6.81 -2.97 19.69
CA LYS A 36 8.17 -3.07 20.29
C LYS A 36 8.21 -4.14 21.37
N LEU A 37 7.11 -4.82 21.72
CA LEU A 37 7.16 -5.93 22.72
C LEU A 37 8.14 -7.01 22.23
N PRO A 38 8.95 -7.58 23.13
CA PRO A 38 9.88 -8.64 22.74
C PRO A 38 9.23 -9.85 22.04
N LYS A 39 8.01 -10.23 22.39
CA LYS A 39 7.27 -11.33 21.73
C LYS A 39 7.04 -11.02 20.22
N ASN A 40 7.25 -9.79 19.73
CA ASN A 40 6.86 -9.41 18.34
C ASN A 40 8.08 -9.16 17.47
N LYS A 41 9.29 -9.46 17.99
CA LYS A 41 10.50 -9.06 17.26
C LYS A 41 10.56 -9.76 15.89
N ASN A 42 10.17 -11.02 15.80
CA ASN A 42 10.23 -11.74 14.50
C ASN A 42 8.98 -11.47 13.64
N ARG A 43 8.11 -10.52 14.02
CA ARG A 43 6.93 -10.11 13.21
C ARG A 43 7.19 -8.77 12.50
N ASN A 44 8.37 -8.18 12.69
CA ASN A 44 8.76 -6.88 12.12
C ASN A 44 9.95 -7.07 11.17
N ARG A 45 9.82 -6.59 9.97
CA ARG A 45 10.89 -6.68 8.96
C ARG A 45 11.98 -5.68 9.30
N TYR A 46 11.60 -4.47 9.70
CA TYR A 46 12.54 -3.32 9.92
C TYR A 46 12.30 -2.73 11.31
N ARG A 47 13.37 -2.58 12.07
CA ARG A 47 13.33 -2.10 13.48
C ARG A 47 12.76 -0.66 13.53
N ASP A 48 12.94 0.14 12.49
CA ASP A 48 12.56 1.57 12.46
C ASP A 48 11.20 1.80 11.75
N VAL A 49 10.44 0.76 11.41
CA VAL A 49 9.11 0.90 10.74
C VAL A 49 8.09 0.09 11.52
N SER A 50 7.20 0.78 12.27
CA SER A 50 6.21 0.17 13.15
C SER A 50 4.87 0.88 12.94
N PRO A 51 3.79 0.14 13.14
CA PRO A 51 2.45 0.73 13.14
C PRO A 51 2.19 1.43 14.49
N PHE A 52 1.53 2.58 14.44
CA PHE A 52 1.04 3.27 15.67
C PHE A 52 0.05 2.37 16.35
N ASP A 53 0.03 2.41 17.69
CA ASP A 53 -1.00 1.66 18.45
C ASP A 53 -2.43 2.09 18.06
N HIS A 54 -2.70 3.36 17.81
CA HIS A 54 -4.11 3.81 17.69
C HIS A 54 -4.73 3.30 16.36
N SER A 55 -3.91 3.04 15.34
CA SER A 55 -4.41 2.71 13.97
C SER A 55 -3.96 1.30 13.54
N ARG A 56 -3.33 0.51 14.41
CA ARG A 56 -2.83 -0.85 13.98
C ARG A 56 -4.01 -1.78 13.70
N ILE A 57 -3.85 -2.68 12.71
CA ILE A 57 -4.82 -3.78 12.50
C ILE A 57 -4.57 -4.88 13.53
N LYS A 58 -5.63 -5.25 14.25
CA LYS A 58 -5.63 -6.38 15.19
C LYS A 58 -6.14 -7.69 14.55
N LEU A 59 -5.34 -8.74 14.67
CA LEU A 59 -5.76 -10.12 14.31
C LEU A 59 -6.80 -10.60 15.34
N HIS A 60 -7.82 -11.34 14.90
CA HIS A 60 -8.93 -11.86 15.76
C HIS A 60 -8.43 -13.18 16.37
N GLN A 61 -7.46 -13.09 17.28
CA GLN A 61 -7.02 -14.26 18.07
C GLN A 61 -6.50 -13.77 19.42
N GLU A 62 -6.67 -14.60 20.44
CA GLU A 62 -6.44 -14.27 21.86
C GLU A 62 -4.93 -14.43 22.17
N ASP A 63 -4.27 -15.37 21.50
CA ASP A 63 -2.81 -15.66 21.63
C ASP A 63 -2.03 -14.35 21.45
N ASN A 64 -1.95 -13.85 20.22
CA ASN A 64 -1.13 -12.66 19.89
C ASN A 64 -1.81 -11.97 18.71
N ASP A 65 -2.33 -10.77 18.91
CA ASP A 65 -3.16 -10.08 17.87
C ASP A 65 -2.30 -9.22 16.95
N TYR A 66 -0.97 -9.32 17.01
CA TYR A 66 -0.11 -8.29 16.39
C TYR A 66 0.23 -8.65 14.91
N ILE A 67 0.13 -7.63 14.04
CA ILE A 67 0.71 -7.66 12.67
C ILE A 67 1.21 -6.26 12.34
N ASN A 68 2.29 -6.16 11.59
CA ASN A 68 2.80 -4.85 11.13
C ASN A 68 1.93 -4.32 9.97
N ALA A 69 0.83 -3.66 10.30
CA ALA A 69 -0.18 -3.17 9.36
C ALA A 69 -1.00 -2.04 10.04
N SER A 70 -1.37 -1.05 9.23
CA SER A 70 -2.06 0.17 9.69
C SER A 70 -3.32 0.44 8.85
N LEU A 71 -4.39 0.94 9.48
CA LEU A 71 -5.59 1.42 8.75
C LEU A 71 -5.49 2.90 8.46
N ILE A 72 -5.38 3.30 7.20
CA ILE A 72 -5.38 4.72 6.78
C ILE A 72 -6.85 5.06 6.39
N LYS A 73 -7.54 5.89 7.20
CA LYS A 73 -8.96 6.24 6.95
C LYS A 73 -9.09 7.69 6.47
N MET A 74 -9.41 7.92 5.17
CA MET A 74 -9.42 9.27 4.58
C MET A 74 -10.88 9.77 4.59
N GLU A 75 -11.20 10.64 5.53
CA GLU A 75 -12.62 10.97 5.87
C GLU A 75 -13.28 11.72 4.71
N GLU A 76 -12.65 12.77 4.20
CA GLU A 76 -13.24 13.60 3.11
C GLU A 76 -13.30 12.83 1.79
N ALA A 77 -12.23 12.10 1.43
CA ALA A 77 -12.21 11.28 0.19
C ALA A 77 -13.14 10.08 0.30
N GLN A 78 -13.52 9.63 1.50
CA GLN A 78 -14.32 8.40 1.71
C GLN A 78 -13.57 7.19 1.11
N ARG A 79 -12.28 7.05 1.41
CA ARG A 79 -11.47 5.87 1.05
C ARG A 79 -10.75 5.37 2.29
N SER A 80 -10.59 4.06 2.43
CA SER A 80 -9.73 3.43 3.47
C SER A 80 -8.72 2.51 2.79
N TYR A 81 -7.53 2.42 3.37
CA TYR A 81 -6.45 1.52 2.86
C TYR A 81 -5.84 0.83 4.08
N ILE A 82 -5.43 -0.45 3.94
CA ILE A 82 -4.50 -1.05 4.92
C ILE A 82 -3.12 -1.04 4.27
N LEU A 83 -2.13 -0.40 4.90
CA LEU A 83 -0.74 -0.46 4.46
C LEU A 83 0.07 -1.38 5.38
N THR A 84 0.82 -2.32 4.78
CA THR A 84 1.50 -3.36 5.57
C THR A 84 2.88 -3.61 4.94
N GLN A 85 3.76 -4.23 5.70
CA GLN A 85 5.10 -4.65 5.20
C GLN A 85 4.90 -5.86 4.26
N GLY A 86 5.90 -6.16 3.45
CA GLY A 86 5.96 -7.46 2.77
C GLY A 86 6.02 -8.60 3.80
N PRO A 87 5.18 -9.63 3.65
CA PRO A 87 5.12 -10.71 4.61
C PRO A 87 6.48 -11.42 4.80
N LEU A 88 6.74 -11.86 6.03
CA LEU A 88 7.96 -12.61 6.43
C LEU A 88 7.60 -14.10 6.45
N PRO A 89 8.63 -14.97 6.47
CA PRO A 89 8.37 -16.41 6.50
C PRO A 89 7.46 -16.81 7.66
N ASN A 90 7.58 -16.14 8.81
CA ASN A 90 6.69 -16.53 9.93
C ASN A 90 5.41 -15.67 10.01
N THR A 91 5.14 -14.76 9.08
CA THR A 91 3.86 -13.96 9.10
C THR A 91 3.01 -14.16 7.85
N VAL A 92 3.29 -15.16 7.00
CA VAL A 92 2.44 -15.34 5.78
C VAL A 92 1.04 -15.76 6.21
N GLY A 93 0.90 -16.62 7.23
CA GLY A 93 -0.42 -17.05 7.74
C GLY A 93 -1.19 -15.89 8.37
N HIS A 94 -0.52 -15.02 9.11
CA HIS A 94 -1.10 -13.77 9.70
C HIS A 94 -1.63 -12.88 8.58
N PHE A 95 -0.81 -12.68 7.53
CA PHE A 95 -1.18 -11.83 6.38
C PHE A 95 -2.56 -12.25 5.82
N TRP A 96 -2.74 -13.55 5.51
CA TRP A 96 -3.97 -14.03 4.88
C TRP A 96 -5.14 -14.03 5.91
N GLU A 97 -4.86 -14.22 7.19
CA GLU A 97 -5.84 -14.08 8.29
C GLU A 97 -6.41 -12.64 8.25
N MET A 98 -5.53 -11.65 8.10
CA MET A 98 -5.92 -10.22 8.05
C MET A 98 -6.83 -9.97 6.83
N VAL A 99 -6.41 -10.44 5.65
CA VAL A 99 -7.21 -10.26 4.42
C VAL A 99 -8.62 -10.83 4.66
N TRP A 100 -8.71 -12.03 5.25
CA TRP A 100 -9.98 -12.75 5.52
C TRP A 100 -10.82 -11.89 6.50
N GLU A 101 -10.21 -11.56 7.63
CA GLU A 101 -10.94 -10.88 8.75
C GLU A 101 -11.40 -9.47 8.38
N GLN A 102 -10.64 -8.75 7.56
CA GLN A 102 -10.98 -7.36 7.17
C GLN A 102 -11.89 -7.30 5.95
N LYS A 103 -12.21 -8.45 5.31
CA LYS A 103 -13.11 -8.57 4.12
C LYS A 103 -12.56 -7.89 2.88
N SER A 104 -11.25 -7.82 2.75
CA SER A 104 -10.61 -7.20 1.58
C SER A 104 -10.96 -7.98 0.32
N ARG A 105 -11.05 -7.28 -0.79
CA ARG A 105 -11.26 -7.88 -2.15
C ARG A 105 -9.93 -7.94 -2.90
N GLY A 106 -9.01 -7.01 -2.63
CA GLY A 106 -7.79 -6.80 -3.43
C GLY A 106 -6.56 -6.73 -2.57
N VAL A 107 -5.44 -7.24 -3.08
CA VAL A 107 -4.06 -7.06 -2.53
C VAL A 107 -3.28 -6.38 -3.64
N VAL A 108 -2.61 -5.26 -3.32
CA VAL A 108 -1.74 -4.48 -4.23
C VAL A 108 -0.28 -4.66 -3.77
N MET A 109 0.55 -5.24 -4.64
CA MET A 109 1.98 -5.53 -4.38
C MET A 109 2.84 -4.66 -5.31
N LEU A 110 3.75 -3.84 -4.77
CA LEU A 110 4.50 -2.85 -5.57
C LEU A 110 6.00 -3.22 -5.65
N ASN A 111 6.37 -4.39 -5.20
CA ASN A 111 7.80 -4.85 -5.19
C ASN A 111 7.90 -6.23 -5.86
N ARG A 112 9.15 -6.61 -6.19
CA ARG A 112 9.49 -8.00 -6.61
C ARG A 112 9.98 -8.74 -5.36
N VAL A 113 9.81 -10.07 -5.34
CA VAL A 113 10.22 -10.93 -4.21
C VAL A 113 11.74 -10.77 -3.99
N MET A 114 12.52 -10.70 -5.08
CA MET A 114 13.95 -10.38 -4.99
C MET A 114 14.22 -9.05 -5.68
N GLU A 115 14.92 -8.12 -5.00
CA GLU A 115 15.42 -6.86 -5.65
C GLU A 115 16.82 -6.60 -5.06
N LYS A 116 17.71 -6.04 -5.88
CA LYS A 116 19.12 -5.73 -5.50
C LYS A 116 19.77 -6.97 -4.86
N GLY A 117 19.47 -8.15 -5.40
CA GLY A 117 20.08 -9.43 -4.94
C GLY A 117 19.67 -9.92 -3.56
N SER A 118 18.62 -9.36 -2.93
CA SER A 118 18.19 -9.73 -1.55
C SER A 118 16.68 -10.01 -1.53
N LEU A 119 16.22 -10.77 -0.56
CA LEU A 119 14.76 -11.08 -0.50
C LEU A 119 14.03 -9.88 0.14
N LYS A 120 13.03 -9.32 -0.56
CA LYS A 120 12.25 -8.16 -0.05
C LYS A 120 10.90 -8.62 0.56
N CYS A 121 10.45 -9.84 0.26
CA CYS A 121 9.26 -10.45 0.91
C CYS A 121 9.15 -11.94 0.56
N ALA A 122 8.43 -12.68 1.37
CA ALA A 122 8.24 -14.14 1.22
C ALA A 122 7.44 -14.40 -0.07
N GLN A 123 7.58 -15.61 -0.64
CA GLN A 123 6.76 -16.05 -1.79
C GLN A 123 5.44 -16.50 -1.17
N TYR A 124 4.45 -15.60 -1.02
CA TYR A 124 3.30 -15.77 -0.10
C TYR A 124 2.03 -16.20 -0.86
N TRP A 125 2.13 -16.38 -2.19
CA TRP A 125 0.98 -16.87 -3.01
C TRP A 125 1.47 -18.01 -3.91
N PRO A 126 0.57 -18.94 -4.35
CA PRO A 126 0.97 -20.08 -5.19
C PRO A 126 1.23 -19.70 -6.64
N GLN A 127 2.24 -20.35 -7.23
CA GLN A 127 2.71 -20.01 -8.61
C GLN A 127 2.08 -20.95 -9.67
N LYS A 128 1.53 -22.05 -9.24
CA LYS A 128 0.88 -23.05 -10.12
C LYS A 128 -0.48 -23.41 -9.57
N GLU A 129 -1.44 -23.54 -10.50
CA GLU A 129 -2.83 -23.94 -10.17
C GLU A 129 -2.84 -25.19 -9.30
N GLU A 130 -2.12 -26.23 -9.72
CA GLU A 130 -2.24 -27.56 -9.08
C GLU A 130 -1.41 -27.67 -7.80
N LYS A 131 -0.72 -26.61 -7.36
CA LYS A 131 0.04 -26.66 -6.09
C LYS A 131 -0.43 -25.56 -5.13
N GLU A 132 -1.52 -25.81 -4.43
CA GLU A 132 -2.16 -24.83 -3.53
C GLU A 132 -1.30 -24.71 -2.25
N MET A 133 -1.55 -23.68 -1.44
CA MET A 133 -0.81 -23.43 -0.18
C MET A 133 -1.80 -23.55 0.97
N ILE A 134 -1.38 -24.22 2.02
CA ILE A 134 -2.14 -24.36 3.28
C ILE A 134 -1.31 -23.69 4.39
N PHE A 135 -1.95 -22.82 5.16
CA PHE A 135 -1.36 -22.06 6.31
C PHE A 135 -1.95 -22.70 7.57
N GLU A 136 -1.21 -23.63 8.18
CA GLU A 136 -1.74 -24.49 9.29
C GLU A 136 -1.97 -23.62 10.53
N ASP A 137 -1.10 -22.63 10.79
CA ASP A 137 -1.22 -21.75 11.98
C ASP A 137 -2.55 -20.96 11.97
N THR A 138 -3.10 -20.54 10.83
CA THR A 138 -4.37 -19.75 10.73
C THR A 138 -5.53 -20.52 10.06
N ASN A 139 -5.32 -21.78 9.64
CA ASN A 139 -6.40 -22.63 9.08
C ASN A 139 -6.99 -22.04 7.79
N LEU A 140 -6.13 -21.62 6.86
CA LEU A 140 -6.54 -21.09 5.53
C LEU A 140 -5.91 -21.91 4.39
N LYS A 141 -6.62 -21.98 3.26
CA LYS A 141 -6.11 -22.54 1.99
C LYS A 141 -6.21 -21.50 0.89
N LEU A 142 -5.16 -21.40 0.08
CA LEU A 142 -5.02 -20.38 -0.99
C LEU A 142 -4.69 -21.12 -2.28
N THR A 143 -5.48 -20.93 -3.31
CA THR A 143 -5.31 -21.57 -4.66
C THR A 143 -5.17 -20.52 -5.74
N LEU A 144 -4.21 -20.66 -6.65
CA LEU A 144 -4.13 -19.84 -7.86
C LEU A 144 -5.22 -20.28 -8.85
N ILE A 145 -6.10 -19.35 -9.27
CA ILE A 145 -7.24 -19.62 -10.21
C ILE A 145 -6.85 -19.24 -11.63
N SER A 146 -6.20 -18.13 -11.85
CA SER A 146 -5.80 -17.63 -13.18
C SER A 146 -4.75 -16.56 -13.00
N GLU A 147 -4.01 -16.26 -14.06
CA GLU A 147 -2.92 -15.27 -14.06
C GLU A 147 -2.93 -14.57 -15.41
N ASP A 148 -2.91 -13.23 -15.43
CA ASP A 148 -2.79 -12.41 -16.67
C ASP A 148 -1.51 -11.58 -16.58
N ILE A 149 -0.49 -11.95 -17.36
CA ILE A 149 0.85 -11.27 -17.34
C ILE A 149 0.94 -10.20 -18.42
N LYS A 150 1.11 -8.94 -18.05
CA LYS A 150 1.23 -7.79 -18.97
C LYS A 150 2.63 -7.22 -18.85
N SER A 151 2.94 -6.22 -19.66
CA SER A 151 4.33 -5.67 -19.75
C SER A 151 4.72 -4.99 -18.43
N TYR A 152 3.81 -4.31 -17.74
CA TYR A 152 4.19 -3.49 -16.56
C TYR A 152 3.59 -4.04 -15.23
N TYR A 153 2.61 -4.93 -15.32
CA TYR A 153 1.89 -5.51 -14.15
C TYR A 153 1.27 -6.87 -14.51
N THR A 154 1.05 -7.71 -13.49
CA THR A 154 0.37 -9.02 -13.56
C THR A 154 -0.84 -8.95 -12.63
N VAL A 155 -1.98 -9.48 -13.10
CA VAL A 155 -3.22 -9.62 -12.28
C VAL A 155 -3.51 -11.11 -12.08
N ARG A 156 -3.68 -11.52 -10.83
CA ARG A 156 -4.00 -12.92 -10.48
C ARG A 156 -5.33 -13.00 -9.78
N GLN A 157 -6.06 -14.07 -10.07
CA GLN A 157 -7.32 -14.46 -9.42
C GLN A 157 -6.99 -15.58 -8.42
N LEU A 158 -7.20 -15.35 -7.12
CA LEU A 158 -6.87 -16.32 -6.04
C LEU A 158 -8.17 -16.73 -5.35
N GLU A 159 -8.23 -17.96 -4.83
CA GLU A 159 -9.34 -18.44 -3.99
C GLU A 159 -8.84 -18.64 -2.58
N LEU A 160 -9.42 -17.91 -1.61
CA LEU A 160 -9.06 -18.07 -0.19
C LEU A 160 -10.21 -18.79 0.52
N GLU A 161 -9.88 -19.91 1.16
CA GLU A 161 -10.84 -20.75 1.87
C GLU A 161 -10.54 -20.73 3.35
N ASN A 162 -11.54 -20.38 4.14
CA ASN A 162 -11.50 -20.52 5.61
C ASN A 162 -11.80 -21.99 5.95
N LEU A 163 -10.77 -22.78 6.30
CA LEU A 163 -10.89 -24.27 6.42
C LEU A 163 -11.81 -24.60 7.61
N THR A 164 -12.00 -23.64 8.51
CA THR A 164 -12.84 -23.79 9.74
C THR A 164 -14.32 -23.85 9.34
N THR A 165 -14.77 -23.02 8.38
CA THR A 165 -16.20 -22.86 7.99
C THR A 165 -16.47 -23.36 6.57
N GLN A 166 -15.44 -23.62 5.78
CA GLN A 166 -15.52 -24.00 4.35
C GLN A 166 -16.11 -22.85 3.53
N GLU A 167 -16.15 -21.61 4.04
CA GLU A 167 -16.49 -20.45 3.16
C GLU A 167 -15.28 -20.19 2.24
N THR A 168 -15.53 -19.68 1.03
CA THR A 168 -14.49 -19.25 0.05
C THR A 168 -14.77 -17.82 -0.39
N ARG A 169 -13.74 -17.10 -0.81
CA ARG A 169 -13.83 -15.77 -1.45
C ARG A 169 -12.80 -15.67 -2.55
N GLU A 170 -13.15 -14.91 -3.57
CA GLU A 170 -12.23 -14.53 -4.65
C GLU A 170 -11.44 -13.29 -4.21
N ILE A 171 -10.12 -13.36 -4.16
CA ILE A 171 -9.19 -12.21 -3.92
C ILE A 171 -8.48 -11.88 -5.24
N LEU A 172 -8.39 -10.63 -5.62
CA LEU A 172 -7.60 -10.20 -6.78
C LEU A 172 -6.22 -9.69 -6.31
N HIS A 173 -5.17 -10.20 -6.92
CA HIS A 173 -3.75 -9.78 -6.66
C HIS A 173 -3.28 -8.90 -7.81
N PHE A 174 -3.04 -7.62 -7.55
CA PHE A 174 -2.52 -6.62 -8.52
C PHE A 174 -1.03 -6.40 -8.24
N HIS A 175 -0.16 -6.92 -9.11
CA HIS A 175 1.31 -6.94 -8.92
C HIS A 175 1.98 -6.00 -9.91
N TYR A 176 2.43 -4.84 -9.45
CA TYR A 176 3.21 -3.89 -10.27
C TYR A 176 4.67 -4.40 -10.26
N THR A 177 5.16 -4.84 -11.42
CA THR A 177 6.43 -5.64 -11.50
C THR A 177 7.62 -4.85 -12.05
N THR A 178 7.49 -3.58 -12.41
CA THR A 178 8.50 -2.82 -13.15
C THR A 178 9.00 -1.58 -12.40
N TRP A 179 8.71 -1.43 -11.10
CA TRP A 179 9.35 -0.31 -10.36
C TRP A 179 10.87 -0.60 -10.37
N PRO A 180 11.71 0.36 -10.82
CA PRO A 180 13.15 0.08 -10.98
C PRO A 180 13.88 -0.11 -9.65
N ASP A 181 14.92 -0.94 -9.65
CA ASP A 181 15.75 -1.27 -8.46
C ASP A 181 16.23 0.04 -7.82
N PHE A 182 16.61 1.03 -8.63
CA PHE A 182 17.14 2.35 -8.18
C PHE A 182 16.22 3.49 -8.63
N GLY A 183 15.90 4.40 -7.70
CA GLY A 183 15.13 5.63 -7.97
C GLY A 183 13.65 5.37 -8.19
N VAL A 184 13.02 6.22 -9.01
CA VAL A 184 11.56 6.16 -9.30
C VAL A 184 11.40 6.06 -10.81
N PRO A 185 10.21 5.64 -11.33
CA PRO A 185 10.01 5.59 -12.78
C PRO A 185 10.18 6.99 -13.43
N GLU A 186 10.75 7.02 -14.64
CA GLU A 186 10.94 8.29 -15.39
C GLU A 186 9.60 8.95 -15.72
N SER A 187 8.61 8.18 -16.17
CA SER A 187 7.23 8.66 -16.45
C SER A 187 6.25 7.96 -15.51
N PRO A 188 5.15 8.63 -15.10
CA PRO A 188 4.16 8.00 -14.23
C PRO A 188 3.05 7.30 -15.01
N ALA A 189 3.17 7.20 -16.35
CA ALA A 189 2.09 6.69 -17.20
C ALA A 189 1.74 5.26 -16.79
N SER A 190 2.73 4.38 -16.63
CA SER A 190 2.42 2.95 -16.34
C SER A 190 1.90 2.80 -14.89
N PHE A 191 2.37 3.59 -13.94
CA PHE A 191 1.86 3.57 -12.53
C PHE A 191 0.38 4.03 -12.50
N LEU A 192 0.03 5.07 -13.25
CA LEU A 192 -1.38 5.59 -13.32
C LEU A 192 -2.28 4.55 -13.98
N ASN A 193 -1.88 3.96 -15.11
CA ASN A 193 -2.71 2.89 -15.72
C ASN A 193 -2.94 1.80 -14.66
N PHE A 194 -1.90 1.39 -13.95
CA PHE A 194 -2.03 0.33 -12.92
C PHE A 194 -3.10 0.73 -11.90
N LEU A 195 -3.07 1.98 -11.43
CA LEU A 195 -4.05 2.46 -10.40
C LEU A 195 -5.45 2.39 -11.00
N PHE A 196 -5.60 2.79 -12.27
CA PHE A 196 -6.91 2.78 -12.98
C PHE A 196 -7.46 1.34 -12.95
N LYS A 197 -6.60 0.35 -13.19
CA LYS A 197 -7.05 -1.07 -13.29
C LYS A 197 -7.40 -1.60 -11.89
N VAL A 198 -6.68 -1.18 -10.83
CA VAL A 198 -7.13 -1.56 -9.46
C VAL A 198 -8.53 -0.92 -9.24
N ARG A 199 -8.70 0.34 -9.58
CA ARG A 199 -10.02 1.01 -9.33
C ARG A 199 -11.13 0.26 -10.07
N GLU A 200 -10.87 -0.08 -11.34
CA GLU A 200 -11.84 -0.72 -12.27
C GLU A 200 -12.32 -2.06 -11.69
N SER A 201 -11.47 -2.74 -10.92
CA SER A 201 -11.77 -4.06 -10.34
C SER A 201 -12.83 -4.04 -9.22
N GLY A 202 -13.13 -2.88 -8.64
CA GLY A 202 -13.95 -2.82 -7.41
C GLY A 202 -13.14 -2.89 -6.12
N SER A 203 -11.85 -3.17 -6.18
CA SER A 203 -11.05 -3.45 -4.96
C SER A 203 -11.01 -2.24 -4.01
N LEU A 204 -11.23 -1.01 -4.52
CA LEU A 204 -11.09 0.23 -3.68
C LEU A 204 -12.45 0.74 -3.24
N SER A 205 -13.50 0.00 -3.56
CA SER A 205 -14.88 0.53 -3.43
C SER A 205 -15.48 0.18 -2.06
N PRO A 206 -16.45 1.01 -1.58
CA PRO A 206 -16.93 0.87 -0.21
C PRO A 206 -17.77 -0.37 0.06
N GLU A 207 -18.15 -1.12 -0.96
CA GLU A 207 -18.88 -2.39 -0.72
C GLU A 207 -17.93 -3.50 -0.23
N HIS A 208 -16.61 -3.31 -0.27
CA HIS A 208 -15.63 -4.31 0.25
C HIS A 208 -14.90 -3.73 1.47
N GLY A 209 -14.21 -4.58 2.22
CA GLY A 209 -13.19 -4.16 3.18
C GLY A 209 -12.07 -3.38 2.49
N PRO A 210 -11.19 -2.70 3.28
CA PRO A 210 -10.12 -1.90 2.67
C PRO A 210 -9.17 -2.79 1.85
N VAL A 211 -8.71 -2.26 0.72
CA VAL A 211 -7.57 -2.83 -0.06
C VAL A 211 -6.35 -3.00 0.89
N VAL A 212 -5.62 -4.12 0.72
CA VAL A 212 -4.30 -4.30 1.38
C VAL A 212 -3.21 -3.88 0.43
N VAL A 213 -2.38 -2.88 0.78
CA VAL A 213 -1.26 -2.43 -0.06
C VAL A 213 0.11 -2.67 0.61
N HIS A 214 1.06 -3.26 -0.11
CA HIS A 214 2.42 -3.45 0.45
C HIS A 214 3.54 -3.25 -0.58
N CYS A 215 4.71 -2.95 -0.04
CA CYS A 215 6.00 -3.03 -0.76
C CYS A 215 6.94 -3.83 0.14
N SER A 216 8.19 -3.44 0.35
CA SER A 216 8.99 -4.14 1.37
C SER A 216 8.66 -3.63 2.79
N ALA A 217 8.79 -2.33 3.05
CA ALA A 217 8.49 -1.77 4.39
C ALA A 217 7.03 -1.35 4.51
N GLY A 218 6.33 -1.18 3.40
CA GLY A 218 4.94 -0.66 3.43
C GLY A 218 4.82 0.83 3.73
N ILE A 219 5.76 1.64 3.32
CA ILE A 219 5.67 3.12 3.55
C ILE A 219 6.05 3.92 2.32
N GLY A 220 6.99 3.46 1.49
CA GLY A 220 7.51 4.25 0.36
C GLY A 220 6.66 4.16 -0.91
N ARG A 221 6.86 3.13 -1.73
CA ARG A 221 5.98 2.90 -2.92
C ARG A 221 4.51 2.85 -2.48
N SER A 222 4.25 2.16 -1.38
CA SER A 222 2.88 2.01 -0.81
C SER A 222 2.27 3.39 -0.53
N GLY A 223 3.06 4.30 0.06
CA GLY A 223 2.66 5.69 0.33
C GLY A 223 2.28 6.42 -0.95
N THR A 224 3.05 6.20 -2.01
CA THR A 224 2.88 6.88 -3.30
C THR A 224 1.53 6.47 -3.90
N PHE A 225 1.22 5.18 -3.83
CA PHE A 225 -0.04 4.62 -4.39
C PHE A 225 -1.25 5.28 -3.70
N CYS A 226 -1.32 5.26 -2.36
CA CYS A 226 -2.54 5.80 -1.66
C CYS A 226 -2.61 7.33 -1.77
N LEU A 227 -1.48 8.02 -1.74
CA LEU A 227 -1.43 9.50 -1.87
C LEU A 227 -1.96 9.92 -3.25
N ALA A 228 -1.51 9.27 -4.31
CA ALA A 228 -1.98 9.61 -5.67
C ALA A 228 -3.48 9.36 -5.76
N ASP A 229 -3.96 8.18 -5.37
CA ASP A 229 -5.39 7.80 -5.46
C ASP A 229 -6.25 8.86 -4.71
N THR A 230 -5.94 9.14 -3.45
CA THR A 230 -6.74 10.09 -2.62
C THR A 230 -6.72 11.49 -3.26
N CYS A 231 -5.57 11.98 -3.74
CA CYS A 231 -5.50 13.37 -4.28
C CYS A 231 -6.39 13.50 -5.54
N LEU A 232 -6.34 12.50 -6.43
CA LEU A 232 -7.16 12.50 -7.67
C LEU A 232 -8.65 12.39 -7.31
N LEU A 233 -9.02 11.60 -6.29
CA LEU A 233 -10.45 11.46 -5.88
C LEU A 233 -10.92 12.84 -5.36
N LEU A 234 -10.11 13.52 -4.53
CA LEU A 234 -10.51 14.84 -3.99
C LEU A 234 -10.68 15.90 -5.12
N MET A 235 -9.87 15.83 -6.18
CA MET A 235 -9.98 16.77 -7.32
C MET A 235 -11.32 16.55 -8.02
N ASP A 236 -11.79 15.30 -8.07
CA ASP A 236 -13.12 14.93 -8.67
C ASP A 236 -14.29 15.49 -7.84
N LYS A 237 -14.12 15.53 -6.53
CA LYS A 237 -15.23 15.71 -5.57
C LYS A 237 -15.43 17.21 -5.30
N ARG A 238 -14.36 17.98 -5.23
CA ARG A 238 -14.43 19.39 -4.73
C ARG A 238 -14.85 20.36 -5.86
N LYS A 239 -15.40 21.52 -5.47
CA LYS A 239 -15.79 22.58 -6.44
C LYS A 239 -14.54 23.22 -7.04
N ASP A 240 -13.49 23.45 -6.23
CA ASP A 240 -12.20 24.03 -6.69
C ASP A 240 -11.11 22.97 -6.58
N PRO A 241 -10.76 22.26 -7.67
CA PRO A 241 -9.73 21.21 -7.61
C PRO A 241 -8.34 21.78 -7.30
N SER A 242 -8.10 23.04 -7.66
CA SER A 242 -6.85 23.77 -7.36
C SER A 242 -6.59 23.75 -5.85
N SER A 243 -7.65 23.59 -5.05
CA SER A 243 -7.54 23.65 -3.56
C SER A 243 -6.83 22.39 -3.02
N VAL A 244 -6.62 21.36 -3.85
CA VAL A 244 -6.08 20.07 -3.30
C VAL A 244 -4.59 20.30 -3.02
N ASP A 245 -4.18 20.14 -1.77
CA ASP A 245 -2.79 20.41 -1.33
C ASP A 245 -2.11 19.08 -1.00
N ILE A 246 -1.24 18.62 -1.87
CA ILE A 246 -0.69 17.22 -1.76
C ILE A 246 0.10 17.11 -0.44
N LYS A 247 0.82 18.15 -0.03
CA LYS A 247 1.61 18.13 1.22
C LYS A 247 0.66 17.99 2.40
N LYS A 248 -0.48 18.68 2.38
CA LYS A 248 -1.45 18.53 3.49
C LYS A 248 -2.13 17.16 3.50
N VAL A 249 -2.41 16.60 2.34
CA VAL A 249 -2.97 15.22 2.27
C VAL A 249 -1.95 14.22 2.85
N LEU A 250 -0.68 14.36 2.49
CA LEU A 250 0.40 13.45 3.00
C LEU A 250 0.49 13.55 4.52
N LEU A 251 0.50 14.76 5.08
CA LEU A 251 0.55 14.88 6.56
C LEU A 251 -0.69 14.27 7.23
N GLU A 252 -1.89 14.39 6.62
CA GLU A 252 -3.08 13.71 7.16
C GLU A 252 -2.79 12.19 7.17
N MET A 253 -2.31 11.63 6.06
CA MET A 253 -2.06 10.16 5.97
C MET A 253 -0.99 9.72 7.00
N ARG A 254 0.00 10.56 7.27
CA ARG A 254 1.06 10.29 8.27
C ARG A 254 0.52 10.32 9.70
N LYS A 255 -0.72 10.77 9.94
CA LYS A 255 -1.31 10.57 11.27
C LYS A 255 -1.56 9.08 11.50
N PHE A 256 -1.68 8.24 10.43
CA PHE A 256 -2.11 6.83 10.58
C PHE A 256 -0.96 5.82 10.42
N ARG A 257 0.07 6.16 9.68
CA ARG A 257 1.30 5.31 9.57
C ARG A 257 2.51 6.20 9.39
N MET A 258 3.63 5.91 10.11
CA MET A 258 4.86 6.71 10.03
C MET A 258 5.53 6.56 8.67
N GLY A 259 6.23 7.61 8.24
CA GLY A 259 7.28 7.50 7.19
C GLY A 259 6.79 7.45 5.74
N LEU A 260 5.50 7.62 5.48
CA LEU A 260 4.91 7.47 4.13
C LEU A 260 5.62 8.46 3.20
N ILE A 261 6.14 7.97 2.06
CA ILE A 261 7.04 8.67 1.12
C ILE A 261 8.42 8.72 1.81
N GLN A 262 9.36 7.94 1.28
CA GLN A 262 10.68 7.68 1.96
C GLN A 262 11.80 8.62 1.48
N THR A 263 11.63 9.31 0.35
CA THR A 263 12.70 10.08 -0.32
C THR A 263 12.11 11.32 -0.99
N ALA A 264 12.93 12.36 -1.21
CA ALA A 264 12.54 13.55 -2.01
C ALA A 264 12.15 13.15 -3.44
N ASP A 265 12.78 12.13 -4.02
CA ASP A 265 12.42 11.65 -5.38
C ASP A 265 11.03 11.01 -5.40
N GLN A 266 10.64 10.22 -4.38
CA GLN A 266 9.25 9.69 -4.27
C GLN A 266 8.23 10.85 -4.11
N LEU A 267 8.60 11.92 -3.38
CA LEU A 267 7.68 13.10 -3.24
C LEU A 267 7.49 13.74 -4.62
N ARG A 268 8.58 14.01 -5.37
CA ARG A 268 8.48 14.57 -6.75
C ARG A 268 7.66 13.67 -7.68
N PHE A 269 7.89 12.35 -7.67
CA PHE A 269 7.13 11.40 -8.49
C PHE A 269 5.62 11.46 -8.15
N SER A 270 5.25 11.61 -6.85
CA SER A 270 3.83 11.68 -6.41
C SER A 270 3.18 12.94 -7.03
N TYR A 271 3.84 14.09 -6.96
CA TYR A 271 3.37 15.32 -7.67
C TYR A 271 3.17 15.03 -9.16
N LEU A 272 4.18 14.45 -9.84
CA LEU A 272 4.09 14.19 -11.31
C LEU A 272 2.88 13.31 -11.60
N ALA A 273 2.68 12.24 -10.82
CA ALA A 273 1.55 11.30 -11.06
C ALA A 273 0.21 12.03 -10.93
N VAL A 274 0.04 12.83 -9.88
CA VAL A 274 -1.26 13.52 -9.63
C VAL A 274 -1.50 14.53 -10.78
N ILE A 275 -0.43 15.24 -11.14
CA ILE A 275 -0.41 16.32 -12.18
C ILE A 275 -0.64 15.68 -13.55
N GLU A 276 0.19 14.72 -13.94
CA GLU A 276 0.05 13.99 -15.23
C GLU A 276 -1.31 13.28 -15.22
N GLY A 277 -1.82 12.90 -14.04
CA GLY A 277 -3.13 12.27 -13.88
C GLY A 277 -4.25 13.29 -14.09
N ALA A 278 -4.11 14.46 -13.48
CA ALA A 278 -5.01 15.63 -13.64
C ALA A 278 -5.05 16.05 -15.12
N LYS A 279 -3.93 15.90 -15.84
CA LYS A 279 -3.84 16.33 -17.26
C LYS A 279 -4.84 15.48 -18.07
N PHE A 280 -4.79 14.15 -17.91
CA PHE A 280 -5.57 13.17 -18.70
C PHE A 280 -7.06 13.36 -18.44
N ILE A 281 -7.43 13.67 -17.20
CA ILE A 281 -8.86 13.79 -16.74
C ILE A 281 -9.55 14.99 -17.44
N MET A 282 -8.86 16.13 -17.57
CA MET A 282 -9.41 17.35 -18.23
C MET A 282 -9.41 17.14 -19.75
C TRS B . -9.01 5.83 16.06
C1 TRS B . -7.62 6.27 15.59
C2 TRS B . -10.09 6.88 15.77
C3 TRS B . -8.96 5.53 17.53
N TRS B . -9.39 4.50 15.43
O1 TRS B . -7.30 5.72 14.30
O2 TRS B . -9.79 7.65 14.60
O3 TRS B . -7.90 4.57 17.88
H11 TRS B . -6.94 5.97 16.24
H12 TRS B . -7.58 7.25 15.54
H21 TRS B . -10.19 7.47 16.54
H22 TRS B . -10.95 6.42 15.63
H31 TRS B . -9.83 5.18 17.81
H32 TRS B . -8.81 6.37 18.02
HN1 TRS B . -9.74 3.93 16.04
HN2 TRS B . -8.65 4.11 15.06
HN3 TRS B . -10.00 4.62 14.77
HO1 TRS B . -6.51 5.96 13.89
HO2 TRS B . -10.03 8.15 14.20
HO3 TRS B . -7.81 4.00 17.25
N1 B0G C . -5.43 6.01 -17.08
C4 B0G C . -5.32 8.53 -13.88
C5 B0G C . -6.09 9.46 -13.15
C6 B0G C . -6.87 9.05 -12.02
C7 B0G C . -4.48 8.99 -15.13
C8 B0G C . -4.42 7.01 -16.70
C10 B0G C . -7.86 5.50 -18.03
C13 B0G C . -5.05 4.87 -18.00
C1 B0G C . -6.89 7.70 -11.61
C2 B0G C . -6.12 6.75 -12.34
C3 B0G C . -5.37 7.16 -13.45
O1 B0G C . -4.87 8.32 -16.41
O2 B0G C . -3.19 6.74 -16.65
C9 B0G C . -6.82 6.51 -17.45
C11 B0G C . -7.29 4.57 -19.13
C12 B0G C . -5.81 4.82 -19.35
O3 B0G C . -7.96 4.91 -20.36
H1 B0G C . -6.14 10.48 -13.39
H2 B0G C . -7.43 9.75 -11.47
H3 B0G C . -3.41 8.83 -14.98
H4 B0G C . -4.56 10.07 -15.26
H5 B0G C . -8.69 6.06 -18.46
H6 B0G C . -8.30 4.94 -17.25
H7 B0G C . -5.22 3.94 -17.47
H8 B0G C . -3.99 4.85 -18.17
H9 B0G C . -7.45 7.41 -10.77
H10 B0G C . -6.15 5.75 -12.02
H11 B0G C . -4.83 6.39 -13.93
H12 B0G C . -7.29 6.97 -16.55
H13 B0G C . -6.77 7.33 -18.15
H14 B0G C . -7.46 3.55 -18.86
H15 B0G C . -5.69 5.80 -19.86
H16 B0G C . -5.35 4.09 -20.00
H17 B0G C . -7.25 5.31 -20.84
#